data_1WRG
#
_entry.id   1WRG
#
_entity_poly.entity_id   1
_entity_poly.type   'polypeptide(L)'
_entity_poly.pdbx_seq_one_letter_code
;AEVKQESLSGITEGEAKEFHKIFTSSILVFFGVAAFAHLLVWIWRPWVPGPNGYS
;
_entity_poly.pdbx_strand_id   A
#
# COMPACT_ATOMS: atom_id res chain seq x y z
N ALA A 1 -6.80 -8.82 30.63
CA ALA A 1 -7.23 -9.44 31.91
C ALA A 1 -6.08 -10.18 32.57
N GLU A 2 -5.74 -11.36 32.03
CA GLU A 2 -4.66 -12.16 32.57
C GLU A 2 -3.37 -11.94 31.79
N VAL A 3 -3.51 -11.66 30.49
CA VAL A 3 -2.36 -11.44 29.63
C VAL A 3 -1.60 -10.19 30.06
N LYS A 4 -0.33 -10.12 29.66
CA LYS A 4 0.52 -8.98 29.99
C LYS A 4 1.87 -9.08 29.28
N GLN A 5 2.00 -8.34 28.18
CA GLN A 5 3.23 -8.31 27.38
C GLN A 5 3.96 -9.66 27.42
N GLU A 6 3.18 -10.75 27.36
CA GLU A 6 3.75 -12.08 27.38
C GLU A 6 4.25 -12.48 26.00
N SER A 7 4.45 -13.78 25.78
CA SER A 7 4.93 -14.27 24.50
C SER A 7 3.92 -13.99 23.39
N LEU A 8 2.64 -13.94 23.76
CA LEU A 8 1.58 -13.67 22.81
C LEU A 8 1.71 -12.28 22.19
N SER A 9 2.57 -11.44 22.77
CA SER A 9 2.77 -10.09 22.26
C SER A 9 3.19 -10.14 20.79
N GLY A 10 3.82 -11.25 20.40
CA GLY A 10 4.25 -11.41 19.02
C GLY A 10 3.09 -11.78 18.11
N ILE A 11 2.09 -12.45 18.68
CA ILE A 11 0.93 -12.86 17.91
C ILE A 11 -0.01 -11.68 17.67
N THR A 12 -0.41 -11.02 18.75
CA THR A 12 -1.31 -9.88 18.65
C THR A 12 -0.63 -8.73 17.91
N GLU A 13 0.57 -8.37 18.35
CA GLU A 13 1.34 -7.29 17.73
C GLU A 13 1.81 -7.71 16.34
N GLY A 14 1.93 -9.01 16.11
CA GLY A 14 2.38 -9.51 14.83
C GLY A 14 1.33 -9.36 13.76
N GLU A 15 0.15 -9.94 14.01
CA GLU A 15 -0.95 -9.87 13.06
C GLU A 15 -1.39 -8.42 12.87
N ALA A 16 -1.48 -7.70 14.00
CA ALA A 16 -1.87 -6.30 13.98
C ALA A 16 -0.91 -5.49 13.12
N LYS A 17 0.38 -5.73 13.32
CA LYS A 17 1.42 -5.04 12.57
C LYS A 17 1.30 -5.34 11.08
N GLU A 18 0.87 -6.57 10.78
CA GLU A 18 0.70 -6.99 9.39
C GLU A 18 -0.41 -6.20 8.71
N PHE A 19 -1.60 -6.25 9.29
CA PHE A 19 -2.75 -5.54 8.74
C PHE A 19 -2.47 -4.05 8.60
N HIS A 20 -1.68 -3.51 9.51
CA HIS A 20 -1.33 -2.09 9.48
C HIS A 20 -0.39 -1.79 8.33
N LYS A 21 0.76 -2.47 8.32
CA LYS A 21 1.75 -2.28 7.26
C LYS A 21 1.16 -2.55 5.88
N ILE A 22 0.47 -3.67 5.75
CA ILE A 22 -0.15 -4.05 4.48
C ILE A 22 -1.17 -3.01 4.05
N PHE A 23 -1.88 -2.44 5.03
CA PHE A 23 -2.88 -1.42 4.74
C PHE A 23 -2.23 -0.19 4.11
N THR A 24 -1.37 0.47 4.88
CA THR A 24 -0.68 1.65 4.41
C THR A 24 0.05 1.37 3.09
N SER A 25 0.80 0.27 3.07
CA SER A 25 1.54 -0.13 1.88
C SER A 25 0.64 -0.22 0.66
N SER A 26 -0.45 -0.97 0.79
CA SER A 26 -1.39 -1.15 -0.30
C SER A 26 -1.93 0.20 -0.80
N ILE A 27 -2.13 1.13 0.12
CA ILE A 27 -2.64 2.45 -0.24
C ILE A 27 -1.65 3.23 -1.09
N LEU A 28 -0.44 3.42 -0.56
CA LEU A 28 0.61 4.15 -1.27
C LEU A 28 0.99 3.46 -2.58
N VAL A 29 1.13 2.15 -2.52
CA VAL A 29 1.50 1.37 -3.69
C VAL A 29 0.38 1.37 -4.72
N PHE A 30 -0.86 1.27 -4.26
CA PHE A 30 -2.01 1.29 -5.15
C PHE A 30 -2.05 2.60 -5.91
N PHE A 31 -2.37 3.67 -5.20
CA PHE A 31 -2.42 5.00 -5.80
C PHE A 31 -1.05 5.35 -6.38
N GLY A 32 0.00 4.84 -5.76
CA GLY A 32 1.34 5.08 -6.22
C GLY A 32 1.53 4.62 -7.64
N VAL A 33 1.12 3.39 -7.90
CA VAL A 33 1.22 2.80 -9.20
C VAL A 33 0.24 3.49 -10.14
N ALA A 34 -1.04 3.41 -9.81
CA ALA A 34 -2.08 4.05 -10.61
C ALA A 34 -1.67 5.47 -10.96
N ALA A 35 -0.97 6.12 -10.04
CA ALA A 35 -0.49 7.48 -10.25
C ALA A 35 0.53 7.55 -11.37
N PHE A 36 1.77 7.15 -11.07
CA PHE A 36 2.84 7.16 -12.06
C PHE A 36 2.47 6.32 -13.27
N ALA A 37 1.95 5.12 -13.00
CA ALA A 37 1.54 4.18 -14.04
C ALA A 37 0.62 4.85 -15.06
N HIS A 38 -0.36 5.61 -14.59
CA HIS A 38 -1.29 6.29 -15.47
C HIS A 38 -0.60 7.44 -16.22
N LEU A 39 0.22 8.19 -15.50
CA LEU A 39 0.95 9.32 -16.09
C LEU A 39 2.06 8.86 -17.03
N LEU A 40 2.50 7.62 -16.89
CA LEU A 40 3.58 7.11 -17.73
C LEU A 40 3.05 6.36 -18.95
N VAL A 41 1.83 5.84 -18.86
CA VAL A 41 1.24 5.11 -19.98
C VAL A 41 0.96 6.04 -21.16
N TRP A 42 0.85 7.34 -20.88
CA TRP A 42 0.60 8.33 -21.92
C TRP A 42 -0.84 8.27 -22.43
N ILE A 43 -1.68 7.45 -21.79
CA ILE A 43 -3.07 7.32 -22.21
C ILE A 43 -4.02 7.60 -21.04
N TRP A 44 -3.63 7.16 -19.84
CA TRP A 44 -4.44 7.35 -18.64
C TRP A 44 -5.94 7.20 -18.93
N ARG A 45 -6.41 5.95 -18.93
CA ARG A 45 -7.81 5.66 -19.20
C ARG A 45 -8.06 4.15 -19.19
N PRO A 46 -7.27 3.38 -19.97
CA PRO A 46 -7.42 1.93 -20.04
C PRO A 46 -7.17 1.25 -18.70
N TRP A 47 -5.99 1.51 -18.13
CA TRP A 47 -5.63 0.93 -16.84
C TRP A 47 -5.53 -0.59 -16.94
N VAL A 48 -4.36 -1.08 -17.35
CA VAL A 48 -4.14 -2.52 -17.48
C VAL A 48 -5.15 -3.14 -18.44
N PRO A 49 -5.25 -2.60 -19.67
CA PRO A 49 -6.19 -3.11 -20.69
C PRO A 49 -5.73 -4.43 -21.28
N GLY A 50 -4.45 -4.52 -21.62
CA GLY A 50 -3.91 -5.74 -22.19
C GLY A 50 -4.18 -5.85 -23.68
N PRO A 51 -3.93 -7.02 -24.28
CA PRO A 51 -4.16 -7.24 -25.71
C PRO A 51 -5.64 -7.29 -26.06
N ASN A 52 -6.22 -6.13 -26.33
CA ASN A 52 -7.63 -6.05 -26.68
C ASN A 52 -8.02 -4.61 -27.03
N GLY A 53 -7.94 -4.27 -28.31
CA GLY A 53 -8.28 -2.93 -28.75
C GLY A 53 -7.45 -1.87 -28.08
N TYR A 54 -7.81 -0.61 -28.30
CA TYR A 54 -7.08 0.51 -27.71
C TYR A 54 -7.95 1.76 -27.65
N SER A 55 -9.26 1.55 -27.50
CA SER A 55 -10.20 2.67 -27.42
C SER A 55 -10.35 3.16 -25.99
N ALA A 1 1.55 -15.96 32.52
CA ALA A 1 0.49 -15.71 31.51
C ALA A 1 0.84 -14.53 30.62
N GLU A 2 0.88 -13.33 31.21
CA GLU A 2 1.21 -12.12 30.47
C GLU A 2 2.69 -11.76 30.63
N VAL A 3 3.36 -11.54 29.50
CA VAL A 3 4.77 -11.19 29.52
C VAL A 3 5.15 -10.35 28.31
N LYS A 4 4.72 -10.80 27.13
CA LYS A 4 5.00 -10.09 25.87
C LYS A 4 6.31 -10.57 25.26
N GLN A 5 6.53 -11.89 25.26
CA GLN A 5 7.75 -12.46 24.71
C GLN A 5 7.65 -13.98 24.68
N GLU A 6 7.10 -14.56 25.74
CA GLU A 6 6.95 -16.01 25.84
C GLU A 6 6.15 -16.56 24.66
N SER A 7 5.02 -15.93 24.38
CA SER A 7 4.17 -16.35 23.27
C SER A 7 3.02 -15.38 23.07
N LEU A 8 3.34 -14.22 22.51
CA LEU A 8 2.36 -13.16 22.23
C LEU A 8 2.96 -12.10 21.31
N SER A 9 4.27 -11.90 21.39
CA SER A 9 4.94 -10.91 20.55
C SER A 9 4.60 -11.15 19.08
N GLY A 10 4.37 -12.42 18.75
CA GLY A 10 4.01 -12.77 17.39
C GLY A 10 2.60 -12.37 17.07
N ILE A 11 1.77 -12.21 18.10
CA ILE A 11 0.38 -11.81 17.92
C ILE A 11 0.27 -10.29 17.72
N THR A 12 0.94 -9.55 18.60
CA THR A 12 0.94 -8.09 18.52
C THR A 12 1.59 -7.62 17.22
N GLU A 13 2.77 -8.15 16.93
CA GLU A 13 3.49 -7.79 15.72
C GLU A 13 2.81 -8.38 14.49
N GLY A 14 2.15 -9.53 14.68
CA GLY A 14 1.46 -10.18 13.59
C GLY A 14 0.34 -9.33 13.04
N GLU A 15 -0.65 -9.03 13.88
CA GLU A 15 -1.78 -8.22 13.47
C GLU A 15 -1.32 -6.82 13.10
N ALA A 16 -0.43 -6.27 13.92
CA ALA A 16 0.12 -4.94 13.68
C ALA A 16 0.81 -4.88 12.32
N LYS A 17 1.51 -5.97 11.99
CA LYS A 17 2.22 -6.05 10.72
C LYS A 17 1.23 -6.18 9.56
N GLU A 18 0.08 -6.80 9.84
CA GLU A 18 -0.94 -7.00 8.83
C GLU A 18 -1.55 -5.66 8.42
N PHE A 19 -2.21 -5.00 9.37
CA PHE A 19 -2.83 -3.71 9.11
C PHE A 19 -1.82 -2.68 8.62
N HIS A 20 -0.61 -2.72 9.17
CA HIS A 20 0.44 -1.79 8.79
C HIS A 20 0.93 -2.06 7.36
N LYS A 21 1.22 -3.33 7.07
CA LYS A 21 1.71 -3.72 5.75
C LYS A 21 0.63 -3.52 4.68
N ILE A 22 -0.60 -3.91 4.99
CA ILE A 22 -1.70 -3.77 4.06
C ILE A 22 -1.98 -2.31 3.75
N PHE A 23 -1.97 -1.47 4.78
CA PHE A 23 -2.21 -0.05 4.60
C PHE A 23 -1.13 0.58 3.73
N THR A 24 0.12 0.45 4.18
CA THR A 24 1.26 0.99 3.46
C THR A 24 1.26 0.49 2.01
N SER A 25 1.07 -0.82 1.84
CA SER A 25 1.04 -1.42 0.51
C SER A 25 0.04 -0.70 -0.37
N SER A 26 -1.18 -0.52 0.13
CA SER A 26 -2.24 0.15 -0.60
C SER A 26 -1.81 1.55 -1.02
N ILE A 27 -1.06 2.23 -0.16
CA ILE A 27 -0.60 3.59 -0.44
C ILE A 27 0.42 3.59 -1.60
N LEU A 28 1.45 2.76 -1.48
CA LEU A 28 2.49 2.69 -2.50
C LEU A 28 1.95 2.16 -3.82
N VAL A 29 1.09 1.14 -3.74
CA VAL A 29 0.48 0.54 -4.91
C VAL A 29 -0.51 1.49 -5.57
N PHE A 30 -1.32 2.16 -4.76
CA PHE A 30 -2.30 3.11 -5.26
C PHE A 30 -1.61 4.30 -5.93
N PHE A 31 -0.45 4.64 -5.38
CA PHE A 31 0.36 5.74 -5.88
C PHE A 31 1.41 5.20 -6.85
N GLY A 32 1.60 3.89 -6.81
CA GLY A 32 2.54 3.25 -7.70
C GLY A 32 1.87 3.02 -9.03
N VAL A 33 0.59 2.71 -8.92
CA VAL A 33 -0.26 2.49 -10.07
C VAL A 33 -0.63 3.82 -10.69
N ALA A 34 -1.00 4.78 -9.84
CA ALA A 34 -1.36 6.12 -10.28
C ALA A 34 -0.17 6.80 -10.92
N ALA A 35 1.01 6.60 -10.31
CA ALA A 35 2.25 7.17 -10.82
C ALA A 35 2.54 6.61 -12.20
N PHE A 36 2.66 5.29 -12.26
CA PHE A 36 2.90 4.62 -13.53
C PHE A 36 1.71 4.83 -14.45
N ALA A 37 0.53 4.96 -13.84
CA ALA A 37 -0.71 5.19 -14.58
C ALA A 37 -0.57 6.42 -15.48
N HIS A 38 -0.11 7.52 -14.89
CA HIS A 38 0.09 8.75 -15.64
C HIS A 38 1.25 8.59 -16.59
N LEU A 39 2.27 7.84 -16.15
CA LEU A 39 3.45 7.58 -16.98
C LEU A 39 3.09 6.64 -18.13
N LEU A 40 1.98 5.93 -18.00
CA LEU A 40 1.53 4.99 -19.03
C LEU A 40 0.54 5.63 -19.98
N VAL A 41 -0.09 6.74 -19.56
CA VAL A 41 -1.06 7.43 -20.39
C VAL A 41 -0.40 8.04 -21.63
N TRP A 42 0.92 8.10 -21.64
CA TRP A 42 1.66 8.66 -22.77
C TRP A 42 1.46 10.17 -22.86
N ILE A 43 1.94 10.88 -21.86
CA ILE A 43 1.81 12.34 -21.82
C ILE A 43 3.05 12.99 -21.18
N TRP A 44 3.56 12.35 -20.14
CA TRP A 44 4.74 12.86 -19.41
C TRP A 44 4.32 13.85 -18.33
N ARG A 45 3.12 13.66 -17.78
CA ARG A 45 2.60 14.53 -16.74
C ARG A 45 1.23 14.06 -16.27
N PRO A 46 0.83 14.43 -15.06
CA PRO A 46 -0.47 14.03 -14.50
C PRO A 46 -1.63 14.62 -15.28
N TRP A 47 -2.45 13.75 -15.87
CA TRP A 47 -3.61 14.18 -16.64
C TRP A 47 -4.49 15.13 -15.83
N VAL A 48 -4.48 14.97 -14.52
CA VAL A 48 -5.27 15.82 -13.63
C VAL A 48 -4.68 17.22 -13.54
N PRO A 49 -5.37 18.23 -14.10
CA PRO A 49 -4.89 19.62 -14.06
C PRO A 49 -4.90 20.21 -12.66
N GLY A 50 -4.00 19.72 -11.82
CA GLY A 50 -3.92 20.20 -10.46
C GLY A 50 -5.20 19.97 -9.67
N PRO A 51 -5.10 19.89 -8.32
CA PRO A 51 -6.28 19.68 -7.47
C PRO A 51 -7.20 20.89 -7.42
N ASN A 52 -6.61 22.08 -7.61
CA ASN A 52 -7.37 23.32 -7.58
C ASN A 52 -7.07 24.17 -8.81
N GLY A 53 -6.77 23.51 -9.92
CA GLY A 53 -6.46 24.23 -11.15
C GLY A 53 -5.05 24.79 -11.15
N TYR A 54 -4.62 25.30 -12.30
CA TYR A 54 -3.28 25.87 -12.43
C TYR A 54 -3.26 27.30 -11.92
N SER A 55 -2.06 27.81 -11.63
CA SER A 55 -1.90 29.17 -11.14
C SER A 55 -1.77 30.16 -12.29
N ALA A 1 -7.52 -13.97 31.64
CA ALA A 1 -6.59 -15.12 31.62
C ALA A 1 -5.35 -14.81 30.80
N GLU A 2 -4.18 -15.10 31.35
CA GLU A 2 -2.92 -14.85 30.66
C GLU A 2 -2.75 -13.37 30.35
N VAL A 3 -3.28 -12.52 31.23
CA VAL A 3 -3.19 -11.07 31.05
C VAL A 3 -2.04 -10.49 31.86
N LYS A 4 -0.87 -10.42 31.26
CA LYS A 4 0.31 -9.89 31.91
C LYS A 4 1.48 -9.78 30.95
N GLN A 5 1.21 -9.23 29.75
CA GLN A 5 2.22 -9.06 28.71
C GLN A 5 3.30 -10.14 28.78
N GLU A 6 2.87 -11.39 28.88
CA GLU A 6 3.80 -12.51 28.95
C GLU A 6 4.53 -12.70 27.63
N SER A 7 3.83 -12.44 26.53
CA SER A 7 4.41 -12.59 25.20
C SER A 7 3.45 -12.09 24.13
N LEU A 8 2.69 -11.06 24.46
CA LEU A 8 1.72 -10.49 23.52
C LEU A 8 2.40 -9.87 22.31
N SER A 9 3.73 -9.80 22.32
CA SER A 9 4.47 -9.23 21.20
C SER A 9 4.11 -9.94 19.90
N GLY A 10 3.64 -11.18 20.02
CA GLY A 10 3.26 -11.94 18.85
C GLY A 10 1.91 -11.51 18.31
N ILE A 11 1.01 -11.09 19.21
CA ILE A 11 -0.32 -10.65 18.80
C ILE A 11 -0.27 -9.20 18.32
N THR A 12 0.36 -8.34 19.10
CA THR A 12 0.49 -6.93 18.75
C THR A 12 1.29 -6.76 17.47
N GLU A 13 2.42 -7.44 17.39
CA GLU A 13 3.28 -7.37 16.21
C GLU A 13 2.66 -8.10 15.03
N GLY A 14 1.90 -9.15 15.33
CA GLY A 14 1.25 -9.91 14.28
C GLY A 14 0.21 -9.10 13.53
N GLU A 15 -0.82 -8.66 14.26
CA GLU A 15 -1.88 -7.86 13.65
C GLU A 15 -1.32 -6.55 13.11
N ALA A 16 -0.42 -5.95 13.88
CA ALA A 16 0.21 -4.69 13.47
C ALA A 16 0.97 -4.89 12.17
N LYS A 17 1.70 -6.00 12.08
CA LYS A 17 2.47 -6.31 10.88
C LYS A 17 1.56 -6.45 9.66
N GLU A 18 0.43 -7.13 9.85
CA GLU A 18 -0.52 -7.32 8.77
C GLU A 18 -1.13 -5.99 8.32
N PHE A 19 -1.78 -5.30 9.25
CA PHE A 19 -2.40 -4.02 8.96
C PHE A 19 -1.38 -3.01 8.48
N HIS A 20 -0.13 -3.15 8.94
CA HIS A 20 0.93 -2.24 8.54
C HIS A 20 1.36 -2.48 7.10
N LYS A 21 1.79 -3.70 6.81
CA LYS A 21 2.23 -4.06 5.47
C LYS A 21 1.10 -3.87 4.45
N ILE A 22 -0.09 -4.36 4.79
CA ILE A 22 -1.23 -4.25 3.92
C ILE A 22 -1.60 -2.79 3.66
N PHE A 23 -1.57 -1.99 4.71
CA PHE A 23 -1.89 -0.58 4.61
C PHE A 23 -0.89 0.13 3.69
N THR A 24 0.37 0.14 4.11
CA THR A 24 1.42 0.77 3.33
C THR A 24 1.43 0.24 1.90
N SER A 25 1.21 -1.07 1.76
CA SER A 25 1.18 -1.71 0.45
C SER A 25 0.16 -1.04 -0.47
N SER A 26 -1.12 -1.29 -0.19
CA SER A 26 -2.21 -0.75 -0.99
C SER A 26 -2.05 0.76 -1.21
N ILE A 27 -1.63 1.47 -0.18
CA ILE A 27 -1.44 2.91 -0.28
C ILE A 27 -0.33 3.23 -1.30
N LEU A 28 0.76 2.48 -1.20
CA LEU A 28 1.90 2.65 -2.09
C LEU A 28 1.52 2.36 -3.53
N VAL A 29 1.09 1.12 -3.76
CA VAL A 29 0.71 0.65 -5.08
C VAL A 29 -0.45 1.46 -5.67
N PHE A 30 -1.49 1.69 -4.88
CA PHE A 30 -2.65 2.47 -5.35
C PHE A 30 -2.21 3.88 -5.74
N PHE A 31 -1.22 4.39 -5.03
CA PHE A 31 -0.67 5.71 -5.29
C PHE A 31 0.51 5.60 -6.25
N GLY A 32 1.00 4.38 -6.41
CA GLY A 32 2.09 4.13 -7.33
C GLY A 32 1.54 4.17 -8.74
N VAL A 33 0.37 3.57 -8.87
CA VAL A 33 -0.36 3.54 -10.11
C VAL A 33 -0.98 4.91 -10.38
N ALA A 34 -1.83 5.35 -9.47
CA ALA A 34 -2.46 6.65 -9.62
C ALA A 34 -1.42 7.68 -10.04
N ALA A 35 -0.28 7.66 -9.36
CA ALA A 35 0.83 8.56 -9.66
C ALA A 35 1.39 8.29 -11.05
N PHE A 36 2.11 7.18 -11.19
CA PHE A 36 2.72 6.81 -12.47
C PHE A 36 1.66 6.44 -13.52
N ALA A 37 0.78 5.52 -13.16
CA ALA A 37 -0.28 5.09 -14.07
C ALA A 37 -1.03 6.28 -14.68
N HIS A 38 -1.42 7.25 -13.85
CA HIS A 38 -2.14 8.41 -14.36
C HIS A 38 -1.22 9.29 -15.20
N LEU A 39 -0.01 9.53 -14.71
CA LEU A 39 0.96 10.34 -15.43
C LEU A 39 1.43 9.63 -16.70
N LEU A 40 1.19 8.33 -16.77
CA LEU A 40 1.59 7.55 -17.93
C LEU A 40 0.49 7.55 -18.99
N VAL A 41 -0.76 7.71 -18.56
CA VAL A 41 -1.88 7.73 -19.49
C VAL A 41 -1.84 8.98 -20.37
N TRP A 42 -1.20 10.03 -19.86
CA TRP A 42 -1.08 11.27 -20.62
C TRP A 42 -0.26 11.03 -21.89
N ILE A 43 0.65 10.05 -21.81
CA ILE A 43 1.49 9.69 -22.95
C ILE A 43 1.58 8.18 -23.12
N TRP A 44 0.50 7.48 -22.78
CA TRP A 44 0.46 6.03 -22.89
C TRP A 44 -0.96 5.51 -22.68
N ARG A 45 -1.09 4.20 -22.46
CA ARG A 45 -2.40 3.59 -22.26
C ARG A 45 -2.38 2.64 -21.06
N PRO A 46 -2.08 3.16 -19.86
CA PRO A 46 -2.03 2.37 -18.63
C PRO A 46 -3.37 2.34 -17.91
N TRP A 47 -3.36 1.93 -16.65
CA TRP A 47 -4.58 1.85 -15.84
C TRP A 47 -5.74 1.21 -16.61
N VAL A 48 -6.52 2.03 -17.31
CA VAL A 48 -7.65 1.52 -18.08
C VAL A 48 -7.17 0.66 -19.24
N PRO A 49 -7.43 -0.66 -19.20
CA PRO A 49 -7.03 -1.58 -20.26
C PRO A 49 -7.84 -1.40 -21.54
N GLY A 50 -7.44 -0.42 -22.35
CA GLY A 50 -8.16 -0.15 -23.59
C GLY A 50 -7.89 1.26 -24.12
N PRO A 51 -8.05 1.47 -25.44
CA PRO A 51 -7.83 2.78 -26.05
C PRO A 51 -8.91 3.79 -25.68
N ASN A 52 -8.56 5.06 -25.72
CA ASN A 52 -9.51 6.12 -25.39
C ASN A 52 -9.43 7.27 -26.40
N GLY A 53 -10.01 7.05 -27.57
CA GLY A 53 -10.00 8.06 -28.61
C GLY A 53 -11.37 8.67 -28.84
N TYR A 54 -11.51 9.38 -29.96
CA TYR A 54 -12.78 10.02 -30.30
C TYR A 54 -13.18 11.02 -29.22
N SER A 55 -12.59 12.22 -29.29
CA SER A 55 -12.89 13.28 -28.33
C SER A 55 -12.57 12.82 -26.90
N ALA A 1 5.41 -12.70 40.54
CA ALA A 1 5.90 -13.09 39.18
C ALA A 1 5.38 -12.14 38.12
N GLU A 2 6.28 -11.35 37.54
CA GLU A 2 5.90 -10.39 36.50
C GLU A 2 5.53 -11.10 35.21
N VAL A 3 4.35 -11.72 35.20
CA VAL A 3 3.88 -12.44 34.02
C VAL A 3 2.60 -11.82 33.48
N LYS A 4 2.75 -10.80 32.65
CA LYS A 4 1.60 -10.11 32.06
C LYS A 4 0.85 -11.04 31.12
N GLN A 5 1.55 -11.54 30.10
CA GLN A 5 0.95 -12.44 29.12
C GLN A 5 2.01 -12.98 28.17
N GLU A 6 2.38 -14.25 28.35
CA GLU A 6 3.37 -14.88 27.49
C GLU A 6 3.05 -14.62 26.02
N SER A 7 1.78 -14.82 25.66
CA SER A 7 1.32 -14.61 24.30
C SER A 7 1.36 -13.11 23.97
N LEU A 8 0.50 -12.68 23.04
CA LEU A 8 0.41 -11.29 22.61
C LEU A 8 1.32 -11.02 21.41
N SER A 9 2.33 -11.87 21.23
CA SER A 9 3.26 -11.71 20.12
C SER A 9 2.49 -11.70 18.80
N GLY A 10 1.40 -12.46 18.76
CA GLY A 10 0.57 -12.50 17.58
C GLY A 10 -0.26 -11.25 17.42
N ILE A 11 -0.48 -10.54 18.52
CA ILE A 11 -1.26 -9.31 18.50
C ILE A 11 -0.42 -8.16 17.95
N THR A 12 0.76 -7.98 18.52
CA THR A 12 1.67 -6.91 18.09
C THR A 12 2.11 -7.15 16.66
N GLU A 13 2.59 -8.37 16.38
CA GLU A 13 3.05 -8.73 15.05
C GLU A 13 1.88 -8.88 14.09
N GLY A 14 0.71 -9.21 14.65
CA GLY A 14 -0.48 -9.38 13.83
C GLY A 14 -1.00 -8.07 13.29
N GLU A 15 -1.34 -7.14 14.19
CA GLU A 15 -1.84 -5.84 13.80
C GLU A 15 -0.78 -5.07 13.02
N ALA A 16 0.45 -5.15 13.50
CA ALA A 16 1.57 -4.47 12.84
C ALA A 16 1.73 -4.96 11.41
N LYS A 17 1.50 -6.26 11.21
CA LYS A 17 1.61 -6.86 9.88
C LYS A 17 0.50 -6.36 8.96
N GLU A 18 -0.74 -6.44 9.45
CA GLU A 18 -1.89 -6.01 8.68
C GLU A 18 -1.77 -4.53 8.30
N PHE A 19 -1.64 -3.67 9.30
CA PHE A 19 -1.51 -2.24 9.08
C PHE A 19 -0.32 -1.92 8.20
N HIS A 20 0.69 -2.80 8.23
CA HIS A 20 1.89 -2.60 7.42
C HIS A 20 1.61 -2.89 5.94
N LYS A 21 1.15 -4.10 5.65
CA LYS A 21 0.86 -4.51 4.28
C LYS A 21 -0.25 -3.65 3.68
N ILE A 22 -1.31 -3.40 4.46
CA ILE A 22 -2.43 -2.60 3.99
C ILE A 22 -2.01 -1.15 3.75
N PHE A 23 -1.21 -0.61 4.65
CA PHE A 23 -0.74 0.77 4.52
C PHE A 23 0.06 0.92 3.24
N THR A 24 1.17 0.20 3.16
CA THR A 24 2.02 0.24 1.99
C THR A 24 1.23 -0.14 0.74
N SER A 25 0.34 -1.11 0.88
CA SER A 25 -0.48 -1.55 -0.24
C SER A 25 -1.13 -0.35 -0.92
N SER A 26 -1.99 0.34 -0.17
CA SER A 26 -2.68 1.52 -0.69
C SER A 26 -1.68 2.58 -1.17
N ILE A 27 -0.55 2.69 -0.49
CA ILE A 27 0.47 3.67 -0.84
C ILE A 27 1.08 3.38 -2.22
N LEU A 28 1.80 2.26 -2.32
CA LEU A 28 2.46 1.89 -3.57
C LEU A 28 1.46 1.75 -4.72
N VAL A 29 0.30 1.18 -4.44
CA VAL A 29 -0.72 0.98 -5.46
C VAL A 29 -1.30 2.32 -5.89
N PHE A 30 -1.51 3.21 -4.92
CA PHE A 30 -2.04 4.54 -5.21
C PHE A 30 -1.10 5.28 -6.14
N PHE A 31 0.05 5.69 -5.60
CA PHE A 31 1.05 6.39 -6.39
C PHE A 31 1.52 5.52 -7.54
N GLY A 32 1.51 4.20 -7.33
CA GLY A 32 1.92 3.28 -8.35
C GLY A 32 1.11 3.45 -9.63
N VAL A 33 -0.21 3.39 -9.48
CA VAL A 33 -1.11 3.54 -10.58
C VAL A 33 -1.07 4.98 -11.08
N ALA A 34 -1.43 5.92 -10.22
CA ALA A 34 -1.41 7.33 -10.58
C ALA A 34 -0.13 7.69 -11.32
N ALA A 35 0.97 7.06 -10.90
CA ALA A 35 2.26 7.29 -11.54
C ALA A 35 2.24 6.79 -12.98
N PHE A 36 2.37 5.47 -13.15
CA PHE A 36 2.37 4.88 -14.49
C PHE A 36 1.09 5.22 -15.23
N ALA A 37 -0.05 4.94 -14.59
CA ALA A 37 -1.36 5.20 -15.16
C ALA A 37 -1.44 6.59 -15.79
N HIS A 38 -1.21 7.62 -14.98
CA HIS A 38 -1.26 8.99 -15.48
C HIS A 38 -0.07 9.29 -16.39
N LEU A 39 0.97 8.46 -16.28
CA LEU A 39 2.16 8.65 -17.11
C LEU A 39 1.85 8.36 -18.58
N LEU A 40 0.86 7.50 -18.81
CA LEU A 40 0.47 7.15 -20.17
C LEU A 40 -0.88 7.80 -20.54
N VAL A 41 -1.89 7.52 -19.73
CA VAL A 41 -3.23 8.06 -19.98
C VAL A 41 -3.28 9.58 -19.73
N TRP A 42 -2.21 10.13 -19.15
CA TRP A 42 -2.16 11.56 -18.86
C TRP A 42 -3.40 12.01 -18.10
N ILE A 43 -3.55 11.50 -16.88
CA ILE A 43 -4.70 11.85 -16.04
C ILE A 43 -6.00 11.29 -16.61
N TRP A 44 -5.89 10.41 -17.61
CA TRP A 44 -7.05 9.78 -18.23
C TRP A 44 -7.66 10.67 -19.31
N ARG A 45 -8.30 11.76 -18.88
CA ARG A 45 -8.94 12.69 -19.80
C ARG A 45 -7.95 13.21 -20.86
N PRO A 46 -6.90 13.93 -20.43
CA PRO A 46 -5.90 14.48 -21.36
C PRO A 46 -5.41 13.44 -22.38
N TRP A 47 -5.16 12.23 -21.91
CA TRP A 47 -4.70 11.15 -22.79
C TRP A 47 -3.32 11.47 -23.37
N VAL A 48 -2.36 10.61 -23.08
CA VAL A 48 -0.98 10.76 -23.57
C VAL A 48 -0.46 12.20 -23.39
N PRO A 49 0.59 12.40 -22.57
CA PRO A 49 1.17 13.71 -22.33
C PRO A 49 1.69 14.36 -23.62
N GLY A 50 2.88 13.96 -24.05
CA GLY A 50 3.46 14.52 -25.26
C GLY A 50 4.72 15.31 -24.99
N PRO A 51 4.65 16.34 -24.13
CA PRO A 51 5.81 17.18 -23.79
C PRO A 51 7.01 16.36 -23.35
N ASN A 52 6.76 15.14 -22.86
CA ASN A 52 7.83 14.26 -22.40
C ASN A 52 8.94 14.14 -23.45
N GLY A 53 8.57 14.30 -24.72
CA GLY A 53 9.54 14.21 -25.78
C GLY A 53 10.13 15.56 -26.15
N TYR A 54 10.01 15.94 -27.42
CA TYR A 54 10.53 17.21 -27.90
C TYR A 54 12.03 17.32 -27.65
N SER A 55 12.73 16.19 -27.78
CA SER A 55 14.17 16.16 -27.58
C SER A 55 14.51 16.58 -26.14
N ALA A 1 6.35 -4.06 26.61
CA ALA A 1 6.80 -5.48 26.65
C ALA A 1 7.29 -5.94 25.28
N GLU A 2 8.29 -6.81 25.27
CA GLU A 2 8.85 -7.32 24.03
C GLU A 2 8.48 -8.79 23.84
N VAL A 3 8.49 -9.55 24.93
CA VAL A 3 8.15 -10.97 24.88
C VAL A 3 8.21 -11.59 26.27
N LYS A 4 9.27 -11.27 27.02
CA LYS A 4 9.47 -11.78 28.38
C LYS A 4 8.89 -13.19 28.55
N GLN A 5 9.07 -14.03 27.53
CA GLN A 5 8.57 -15.39 27.57
C GLN A 5 9.07 -16.19 26.37
N GLU A 6 8.43 -15.98 25.23
CA GLU A 6 8.79 -16.67 23.99
C GLU A 6 7.81 -16.27 22.89
N SER A 7 6.59 -16.80 22.97
CA SER A 7 5.56 -16.49 22.00
C SER A 7 5.15 -15.03 22.15
N LEU A 8 3.95 -14.68 21.68
CA LEU A 8 3.43 -13.33 21.78
C LEU A 8 3.97 -12.45 20.65
N SER A 9 5.27 -12.54 20.40
CA SER A 9 5.89 -11.74 19.35
C SER A 9 5.14 -11.94 18.04
N GLY A 10 4.56 -13.12 17.89
CA GLY A 10 3.80 -13.42 16.71
C GLY A 10 2.41 -12.80 16.74
N ILE A 11 1.95 -12.47 17.95
CA ILE A 11 0.64 -11.86 18.12
C ILE A 11 0.70 -10.36 17.83
N THR A 12 1.56 -9.67 18.57
CA THR A 12 1.73 -8.23 18.39
C THR A 12 2.29 -7.93 17.00
N GLU A 13 3.33 -8.64 16.61
CA GLU A 13 3.93 -8.46 15.30
C GLU A 13 3.04 -9.00 14.20
N GLY A 14 2.25 -10.03 14.53
CA GLY A 14 1.35 -10.61 13.56
C GLY A 14 0.27 -9.64 13.11
N GLU A 15 -0.56 -9.22 14.06
CA GLU A 15 -1.63 -8.27 13.75
C GLU A 15 -1.05 -6.96 13.26
N ALA A 16 0.00 -6.50 13.93
CA ALA A 16 0.68 -5.26 13.56
C ALA A 16 1.18 -5.33 12.12
N LYS A 17 1.75 -6.48 11.77
CA LYS A 17 2.28 -6.70 10.43
C LYS A 17 1.17 -6.62 9.39
N GLU A 18 0.07 -7.33 9.65
CA GLU A 18 -1.06 -7.34 8.73
C GLU A 18 -1.62 -5.93 8.54
N PHE A 19 -1.74 -5.20 9.64
CA PHE A 19 -2.26 -3.84 9.60
C PHE A 19 -1.39 -2.96 8.71
N HIS A 20 -0.11 -2.88 9.02
CA HIS A 20 0.83 -2.07 8.25
C HIS A 20 0.89 -2.59 6.81
N LYS A 21 0.73 -3.91 6.66
CA LYS A 21 0.78 -4.54 5.35
C LYS A 21 -0.29 -3.93 4.42
N ILE A 22 -1.55 -4.24 4.70
CA ILE A 22 -2.64 -3.73 3.89
C ILE A 22 -2.61 -2.21 3.81
N PHE A 23 -2.09 -1.57 4.85
CA PHE A 23 -1.99 -0.12 4.89
C PHE A 23 -1.13 0.38 3.73
N THR A 24 0.18 0.29 3.89
CA THR A 24 1.10 0.72 2.85
C THR A 24 0.81 0.00 1.54
N SER A 25 0.33 -1.22 1.65
CA SER A 25 0.00 -2.02 0.46
C SER A 25 -0.96 -1.24 -0.44
N SER A 26 -2.24 -1.22 -0.07
CA SER A 26 -3.25 -0.52 -0.85
C SER A 26 -2.89 0.95 -1.06
N ILE A 27 -2.31 1.58 -0.05
CA ILE A 27 -1.95 3.00 -0.14
C ILE A 27 -0.85 3.23 -1.19
N LEU A 28 0.34 2.72 -0.92
CA LEU A 28 1.47 2.89 -1.82
C LEU A 28 1.18 2.36 -3.23
N VAL A 29 0.49 1.21 -3.31
CA VAL A 29 0.16 0.63 -4.60
C VAL A 29 -0.84 1.50 -5.34
N PHE A 30 -1.80 2.06 -4.59
CA PHE A 30 -2.82 2.91 -5.17
C PHE A 30 -2.15 4.13 -5.81
N PHE A 31 -1.66 5.04 -4.97
CA PHE A 31 -0.99 6.23 -5.45
C PHE A 31 0.25 5.84 -6.26
N GLY A 32 0.83 4.70 -5.91
CA GLY A 32 2.01 4.23 -6.61
C GLY A 32 1.75 4.05 -8.09
N VAL A 33 0.67 3.34 -8.40
CA VAL A 33 0.27 3.10 -9.75
C VAL A 33 -0.22 4.39 -10.39
N ALA A 34 -1.27 4.95 -9.81
CA ALA A 34 -1.82 6.20 -10.31
C ALA A 34 -0.71 7.20 -10.61
N ALA A 35 0.32 7.20 -9.77
CA ALA A 35 1.46 8.09 -9.94
C ALA A 35 2.24 7.75 -11.21
N PHE A 36 3.04 6.68 -11.14
CA PHE A 36 3.84 6.26 -12.29
C PHE A 36 2.96 5.96 -13.50
N ALA A 37 1.90 5.20 -13.26
CA ALA A 37 0.96 4.82 -14.30
C ALA A 37 0.47 6.03 -15.11
N HIS A 38 0.05 7.08 -14.40
CA HIS A 38 -0.44 8.28 -15.08
C HIS A 38 0.70 8.99 -15.81
N LEU A 39 1.81 9.19 -15.12
CA LEU A 39 2.98 9.83 -15.71
C LEU A 39 3.64 8.94 -16.75
N LEU A 40 3.25 7.67 -16.78
CA LEU A 40 3.82 6.72 -17.72
C LEU A 40 2.99 6.62 -19.00
N VAL A 41 1.71 7.00 -18.90
CA VAL A 41 0.82 6.94 -20.06
C VAL A 41 1.26 7.92 -21.15
N TRP A 42 1.95 8.98 -20.74
CA TRP A 42 2.45 9.99 -21.68
C TRP A 42 1.31 10.67 -22.44
N ILE A 43 0.11 10.64 -21.87
CA ILE A 43 -1.05 11.26 -22.50
C ILE A 43 -2.12 11.62 -21.49
N TRP A 44 -1.74 11.69 -20.21
CA TRP A 44 -2.66 12.04 -19.13
C TRP A 44 -4.08 11.54 -19.39
N ARG A 45 -4.20 10.34 -19.96
CA ARG A 45 -5.50 9.77 -20.27
C ARG A 45 -5.46 8.24 -20.27
N PRO A 46 -4.86 7.62 -19.24
CA PRO A 46 -4.76 6.16 -19.15
C PRO A 46 -6.03 5.54 -18.58
N TRP A 47 -6.57 6.16 -17.53
CA TRP A 47 -7.78 5.67 -16.89
C TRP A 47 -8.68 6.81 -16.45
N VAL A 48 -8.36 7.43 -15.31
CA VAL A 48 -9.17 8.53 -14.79
C VAL A 48 -8.65 9.91 -15.23
N PRO A 49 -7.32 10.10 -15.39
CA PRO A 49 -6.77 11.39 -15.79
C PRO A 49 -7.45 11.95 -17.03
N GLY A 50 -8.14 13.09 -16.86
CA GLY A 50 -8.83 13.70 -17.97
C GLY A 50 -9.22 15.14 -17.68
N PRO A 51 -9.32 15.99 -18.72
CA PRO A 51 -9.69 17.40 -18.55
C PRO A 51 -11.16 17.56 -18.17
N ASN A 52 -12.02 16.73 -18.75
CA ASN A 52 -13.45 16.79 -18.47
C ASN A 52 -13.73 16.36 -17.03
N GLY A 53 -13.47 17.26 -16.09
CA GLY A 53 -13.70 16.97 -14.69
C GLY A 53 -14.95 17.66 -14.16
N TYR A 54 -14.85 18.97 -13.99
CA TYR A 54 -15.97 19.76 -13.47
C TYR A 54 -16.33 19.34 -12.05
N SER A 55 -17.07 18.24 -11.93
CA SER A 55 -17.48 17.72 -10.63
C SER A 55 -16.42 16.79 -10.05
N ALA A 1 -9.44 -18.87 31.07
CA ALA A 1 -8.30 -19.34 31.91
C ALA A 1 -7.30 -18.22 32.14
N GLU A 2 -6.32 -18.48 33.01
CA GLU A 2 -5.29 -17.49 33.32
C GLU A 2 -4.15 -17.57 32.32
N VAL A 3 -3.85 -18.77 31.84
CA VAL A 3 -2.78 -18.98 30.88
C VAL A 3 -3.31 -18.96 29.45
N LYS A 4 -4.07 -20.00 29.09
CA LYS A 4 -4.66 -20.12 27.76
C LYS A 4 -3.78 -19.45 26.69
N GLN A 5 -2.47 -19.66 26.79
CA GLN A 5 -1.50 -19.09 25.86
C GLN A 5 -1.02 -17.72 26.34
N GLU A 6 0.29 -17.59 26.53
CA GLU A 6 0.87 -16.33 26.99
C GLU A 6 2.08 -15.94 26.14
N SER A 7 3.15 -16.72 26.26
CA SER A 7 4.37 -16.45 25.50
C SER A 7 4.17 -16.69 24.00
N LEU A 8 3.28 -15.90 23.40
CA LEU A 8 2.99 -16.02 21.98
C LEU A 8 1.97 -14.98 21.52
N SER A 9 1.13 -14.53 22.45
CA SER A 9 0.11 -13.53 22.11
C SER A 9 0.78 -12.31 21.49
N GLY A 10 2.03 -12.07 21.89
CA GLY A 10 2.78 -10.96 21.36
C GLY A 10 3.34 -11.26 19.99
N ILE A 11 3.54 -12.56 19.71
CA ILE A 11 4.07 -12.98 18.41
C ILE A 11 3.00 -12.87 17.33
N THR A 12 1.90 -13.58 17.54
CA THR A 12 0.78 -13.57 16.59
C THR A 12 0.16 -12.18 16.50
N GLU A 13 -0.26 -11.65 17.66
CA GLU A 13 -0.88 -10.33 17.71
C GLU A 13 0.10 -9.24 17.30
N GLY A 14 1.38 -9.49 17.54
CA GLY A 14 2.40 -8.51 17.20
C GLY A 14 2.60 -8.39 15.70
N GLU A 15 3.01 -9.49 15.08
CA GLU A 15 3.24 -9.52 13.64
C GLU A 15 1.94 -9.25 12.89
N ALA A 16 0.86 -9.87 13.36
CA ALA A 16 -0.44 -9.70 12.74
C ALA A 16 -0.87 -8.23 12.77
N LYS A 17 -0.53 -7.56 13.86
CA LYS A 17 -0.86 -6.15 14.02
C LYS A 17 -0.06 -5.27 13.08
N GLU A 18 1.25 -5.23 13.29
CA GLU A 18 2.15 -4.43 12.46
C GLU A 18 1.98 -4.76 10.98
N PHE A 19 2.03 -6.05 10.67
CA PHE A 19 1.90 -6.51 9.29
C PHE A 19 0.56 -6.08 8.69
N HIS A 20 -0.51 -6.14 9.49
CA HIS A 20 -1.83 -5.76 9.01
C HIS A 20 -1.87 -4.29 8.63
N LYS A 21 -1.54 -3.42 9.58
CA LYS A 21 -1.54 -1.98 9.34
C LYS A 21 -0.57 -1.60 8.23
N ILE A 22 0.68 -2.02 8.37
CA ILE A 22 1.72 -1.73 7.39
C ILE A 22 1.33 -2.24 6.01
N PHE A 23 0.74 -3.43 5.96
CA PHE A 23 0.33 -4.02 4.70
C PHE A 23 -0.74 -3.17 4.02
N THR A 24 -1.93 -3.14 4.62
CA THR A 24 -3.04 -2.37 4.08
C THR A 24 -2.62 -0.94 3.76
N SER A 25 -1.96 -0.28 4.70
CA SER A 25 -1.50 1.09 4.51
C SER A 25 -0.69 1.21 3.23
N SER A 26 0.37 0.41 3.13
CA SER A 26 1.23 0.43 1.95
C SER A 26 0.46 0.14 0.68
N ILE A 27 -0.46 -0.81 0.74
CA ILE A 27 -1.25 -1.19 -0.44
C ILE A 27 -2.07 -0.01 -0.95
N LEU A 28 -2.72 0.69 -0.04
CA LEU A 28 -3.56 1.83 -0.42
C LEU A 28 -2.73 2.99 -0.97
N VAL A 29 -1.77 3.44 -0.19
CA VAL A 29 -0.91 4.53 -0.54
C VAL A 29 0.08 4.17 -1.65
N PHE A 30 0.85 3.11 -1.45
CA PHE A 30 1.84 2.67 -2.43
C PHE A 30 1.20 2.27 -3.76
N PHE A 31 0.03 1.66 -3.68
CA PHE A 31 -0.68 1.22 -4.87
C PHE A 31 -1.71 2.27 -5.29
N GLY A 32 -1.99 3.20 -4.38
CA GLY A 32 -2.91 4.27 -4.70
C GLY A 32 -2.17 5.30 -5.49
N VAL A 33 -0.92 5.50 -5.08
CA VAL A 33 -0.01 6.41 -5.72
C VAL A 33 0.48 5.82 -7.03
N ALA A 34 0.87 4.55 -6.99
CA ALA A 34 1.34 3.83 -8.17
C ALA A 34 0.24 3.72 -9.20
N ALA A 35 -0.97 3.45 -8.72
CA ALA A 35 -2.13 3.32 -9.59
C ALA A 35 -2.38 4.64 -10.31
N PHE A 36 -2.54 5.70 -9.53
CA PHE A 36 -2.75 7.03 -10.09
C PHE A 36 -1.46 7.51 -10.77
N ALA A 37 -0.33 7.01 -10.28
CA ALA A 37 0.97 7.37 -10.82
C ALA A 37 1.06 7.05 -12.30
N HIS A 38 0.86 5.78 -12.65
CA HIS A 38 0.91 5.35 -14.04
C HIS A 38 -0.30 5.86 -14.81
N LEU A 39 -1.45 5.89 -14.14
CA LEU A 39 -2.67 6.37 -14.77
C LEU A 39 -2.59 7.85 -15.10
N LEU A 40 -1.61 8.54 -14.50
CA LEU A 40 -1.43 9.97 -14.74
C LEU A 40 -0.35 10.21 -15.79
N VAL A 41 0.81 9.59 -15.61
CA VAL A 41 1.92 9.75 -16.53
C VAL A 41 1.64 9.06 -17.86
N TRP A 42 0.85 7.98 -17.82
CA TRP A 42 0.52 7.23 -19.03
C TRP A 42 -0.10 8.16 -20.08
N ILE A 43 -0.73 9.24 -19.63
CA ILE A 43 -1.34 10.19 -20.54
C ILE A 43 -0.31 10.75 -21.51
N TRP A 44 0.94 10.85 -21.06
CA TRP A 44 2.01 11.38 -21.90
C TRP A 44 3.36 11.17 -21.23
N ARG A 45 3.45 11.46 -19.94
CA ARG A 45 4.68 11.30 -19.19
C ARG A 45 5.16 9.86 -19.23
N PRO A 46 6.35 9.58 -18.66
CA PRO A 46 6.92 8.22 -18.62
C PRO A 46 5.99 7.22 -17.94
N TRP A 47 6.57 6.12 -17.46
CA TRP A 47 5.79 5.08 -16.79
C TRP A 47 6.63 4.38 -15.72
N VAL A 48 7.42 5.16 -15.00
CA VAL A 48 8.28 4.62 -13.94
C VAL A 48 7.78 5.04 -12.56
N PRO A 49 7.76 4.11 -11.59
CA PRO A 49 7.30 4.40 -10.22
C PRO A 49 8.30 5.26 -9.46
N GLY A 50 8.02 6.55 -9.36
CA GLY A 50 8.90 7.46 -8.65
C GLY A 50 8.35 8.88 -8.59
N PRO A 51 9.13 9.83 -8.05
CA PRO A 51 8.71 11.23 -7.94
C PRO A 51 8.23 11.78 -9.27
N ASN A 52 8.87 11.38 -10.35
CA ASN A 52 8.51 11.84 -11.68
C ASN A 52 9.34 11.14 -12.75
N GLY A 53 10.66 11.23 -12.62
CA GLY A 53 11.55 10.59 -13.58
C GLY A 53 12.64 11.52 -14.06
N TYR A 54 12.53 11.97 -15.30
CA TYR A 54 13.53 12.88 -15.89
C TYR A 54 14.94 12.41 -15.60
N SER A 55 15.12 11.10 -15.47
CA SER A 55 16.43 10.52 -15.20
C SER A 55 16.53 9.10 -15.75
N ALA A 1 2.26 -25.01 30.09
CA ALA A 1 3.27 -24.33 30.95
C ALA A 1 4.65 -24.98 30.81
N GLU A 2 5.33 -24.68 29.71
CA GLU A 2 6.65 -25.24 29.45
C GLU A 2 7.61 -24.15 28.98
N VAL A 3 7.34 -23.60 27.80
CA VAL A 3 8.18 -22.55 27.24
C VAL A 3 7.43 -21.74 26.19
N LYS A 4 6.71 -22.43 25.31
CA LYS A 4 5.95 -21.78 24.27
C LYS A 4 4.81 -20.95 24.85
N GLN A 5 4.07 -20.29 23.97
CA GLN A 5 2.94 -19.43 24.37
C GLN A 5 3.15 -18.80 25.74
N GLU A 6 4.38 -18.39 26.01
CA GLU A 6 4.73 -17.76 27.28
C GLU A 6 5.64 -16.55 27.07
N SER A 7 5.74 -16.11 25.82
CA SER A 7 6.59 -14.96 25.49
C SER A 7 6.43 -14.58 24.02
N LEU A 8 6.34 -15.59 23.16
CA LEU A 8 6.19 -15.37 21.72
C LEU A 8 4.87 -14.65 21.40
N SER A 9 3.97 -14.57 22.37
CA SER A 9 2.70 -13.90 22.15
C SER A 9 2.94 -12.45 21.72
N GLY A 10 4.11 -11.93 22.04
CA GLY A 10 4.44 -10.56 21.66
C GLY A 10 4.82 -10.46 20.20
N ILE A 11 5.50 -11.48 19.70
CA ILE A 11 5.90 -11.49 18.30
C ILE A 11 4.73 -11.90 17.42
N THR A 12 3.88 -12.78 17.95
CA THR A 12 2.70 -13.24 17.21
C THR A 12 1.71 -12.11 17.03
N GLU A 13 1.27 -11.53 18.14
CA GLU A 13 0.32 -10.42 18.10
C GLU A 13 0.97 -9.16 17.55
N GLY A 14 2.27 -9.02 17.79
CA GLY A 14 2.99 -7.86 17.30
C GLY A 14 3.15 -7.86 15.80
N GLU A 15 3.66 -8.98 15.28
CA GLU A 15 3.85 -9.12 13.84
C GLU A 15 2.52 -9.06 13.12
N ALA A 16 1.50 -9.65 13.75
CA ALA A 16 0.16 -9.66 13.20
C ALA A 16 -0.35 -8.23 13.03
N LYS A 17 -0.16 -7.43 14.08
CA LYS A 17 -0.58 -6.04 14.06
C LYS A 17 0.13 -5.29 12.93
N GLU A 18 1.46 -5.41 12.90
CA GLU A 18 2.26 -4.76 11.88
C GLU A 18 1.79 -5.17 10.50
N PHE A 19 1.51 -6.46 10.32
CA PHE A 19 1.05 -7.00 9.05
C PHE A 19 -0.22 -6.29 8.61
N HIS A 20 -1.12 -6.03 9.56
CA HIS A 20 -2.36 -5.35 9.26
C HIS A 20 -2.10 -3.93 8.77
N LYS A 21 -1.40 -3.15 9.59
CA LYS A 21 -1.07 -1.77 9.24
C LYS A 21 -0.30 -1.71 7.92
N ILE A 22 0.83 -2.39 7.87
CA ILE A 22 1.66 -2.43 6.68
C ILE A 22 0.85 -2.83 5.45
N PHE A 23 -0.11 -3.72 5.66
CA PHE A 23 -0.98 -4.20 4.58
C PHE A 23 -1.77 -3.03 4.00
N THR A 24 -2.57 -2.39 4.84
CA THR A 24 -3.38 -1.26 4.43
C THR A 24 -2.50 -0.18 3.78
N SER A 25 -1.42 0.19 4.46
CA SER A 25 -0.50 1.19 3.96
C SER A 25 0.00 0.80 2.57
N SER A 26 0.37 -0.46 2.41
CA SER A 26 0.85 -0.97 1.13
C SER A 26 -0.19 -0.75 0.04
N ILE A 27 -1.46 -0.93 0.40
CA ILE A 27 -2.56 -0.75 -0.55
C ILE A 27 -2.65 0.69 -1.01
N LEU A 28 -2.64 1.62 -0.06
CA LEU A 28 -2.71 3.05 -0.37
C LEU A 28 -1.53 3.45 -1.23
N VAL A 29 -0.34 3.09 -0.76
CA VAL A 29 0.88 3.38 -1.44
C VAL A 29 0.95 2.64 -2.77
N PHE A 30 0.31 1.48 -2.83
CA PHE A 30 0.28 0.69 -4.06
C PHE A 30 -0.40 1.49 -5.16
N PHE A 31 -1.71 1.63 -5.05
CA PHE A 31 -2.48 2.40 -6.01
C PHE A 31 -2.01 3.86 -5.99
N GLY A 32 -1.49 4.28 -4.84
CA GLY A 32 -0.99 5.63 -4.70
C GLY A 32 0.12 5.91 -5.69
N VAL A 33 1.10 5.03 -5.73
CA VAL A 33 2.22 5.15 -6.61
C VAL A 33 1.77 4.97 -8.04
N ALA A 34 1.02 3.92 -8.28
CA ALA A 34 0.49 3.62 -9.61
C ALA A 34 -0.30 4.82 -10.13
N ALA A 35 -0.97 5.51 -9.21
CA ALA A 35 -1.75 6.68 -9.55
C ALA A 35 -0.85 7.80 -10.06
N PHE A 36 -0.05 8.38 -9.17
CA PHE A 36 0.87 9.44 -9.55
C PHE A 36 1.83 8.93 -10.63
N ALA A 37 2.08 7.63 -10.60
CA ALA A 37 2.95 6.97 -11.56
C ALA A 37 2.47 7.21 -12.98
N HIS A 38 1.19 6.90 -13.23
CA HIS A 38 0.60 7.08 -14.55
C HIS A 38 0.43 8.56 -14.86
N LEU A 39 0.11 9.34 -13.83
CA LEU A 39 -0.08 10.78 -14.01
C LEU A 39 1.25 11.47 -14.30
N LEU A 40 2.34 10.88 -13.83
CA LEU A 40 3.67 11.44 -14.04
C LEU A 40 4.42 10.69 -15.14
N VAL A 41 3.79 9.63 -15.67
CA VAL A 41 4.41 8.84 -16.73
C VAL A 41 4.51 9.64 -18.03
N TRP A 42 3.58 10.57 -18.22
CA TRP A 42 3.57 11.41 -19.40
C TRP A 42 2.95 12.77 -19.11
N ILE A 43 3.24 13.30 -17.92
CA ILE A 43 2.73 14.60 -17.50
C ILE A 43 1.24 14.75 -17.81
N TRP A 44 0.49 13.65 -17.63
CA TRP A 44 -0.95 13.64 -17.87
C TRP A 44 -1.26 13.38 -19.34
N ARG A 45 -1.68 12.15 -19.64
CA ARG A 45 -2.01 11.78 -21.01
C ARG A 45 -2.53 10.33 -21.07
N PRO A 46 -1.67 9.35 -20.77
CA PRO A 46 -2.05 7.93 -20.80
C PRO A 46 -3.07 7.60 -19.71
N TRP A 47 -2.60 7.48 -18.46
CA TRP A 47 -3.46 7.17 -17.32
C TRP A 47 -4.26 5.89 -17.56
N VAL A 48 -4.54 5.17 -16.47
CA VAL A 48 -5.30 3.93 -16.55
C VAL A 48 -5.98 3.62 -15.21
N PRO A 49 -6.74 4.58 -14.67
CA PRO A 49 -7.45 4.40 -13.40
C PRO A 49 -8.72 3.58 -13.55
N GLY A 50 -9.48 3.86 -14.60
CA GLY A 50 -10.72 3.14 -14.83
C GLY A 50 -11.84 4.04 -15.34
N PRO A 51 -12.63 4.62 -14.42
CA PRO A 51 -13.73 5.51 -14.78
C PRO A 51 -13.25 6.86 -15.32
N ASN A 52 -12.31 7.47 -14.60
CA ASN A 52 -11.78 8.76 -15.00
C ASN A 52 -11.12 8.68 -16.38
N GLY A 53 -10.88 9.84 -16.98
CA GLY A 53 -10.27 9.88 -18.29
C GLY A 53 -11.03 10.74 -19.27
N TYR A 54 -12.34 10.51 -19.37
CA TYR A 54 -13.20 11.27 -20.28
C TYR A 54 -12.56 11.43 -21.65
N SER A 55 -11.76 10.45 -22.04
CA SER A 55 -11.09 10.48 -23.34
C SER A 55 -10.15 11.68 -23.44
N ALA A 1 -3.30 -23.59 25.95
CA ALA A 1 -3.90 -23.98 27.26
C ALA A 1 -3.17 -23.28 28.41
N GLU A 2 -1.98 -23.76 28.72
CA GLU A 2 -1.17 -23.18 29.80
C GLU A 2 -0.72 -21.77 29.44
N VAL A 3 -0.06 -21.63 28.30
CA VAL A 3 0.43 -20.34 27.85
C VAL A 3 -0.18 -19.96 26.51
N LYS A 4 -0.26 -20.94 25.60
CA LYS A 4 -0.82 -20.74 24.27
C LYS A 4 0.25 -20.31 23.26
N GLN A 5 1.09 -19.36 23.68
CA GLN A 5 2.16 -18.88 22.81
C GLN A 5 3.10 -17.94 23.58
N GLU A 6 3.25 -18.18 24.88
CA GLU A 6 4.11 -17.35 25.72
C GLU A 6 3.91 -15.86 25.44
N SER A 7 2.76 -15.34 25.86
CA SER A 7 2.40 -13.94 25.65
C SER A 7 1.78 -13.72 24.28
N LEU A 8 0.45 -13.81 24.23
CA LEU A 8 -0.28 -13.64 22.98
C LEU A 8 -0.09 -12.23 22.41
N SER A 9 0.44 -11.33 23.22
CA SER A 9 0.66 -9.96 22.77
C SER A 9 1.58 -9.93 21.56
N GLY A 10 2.37 -11.00 21.40
CA GLY A 10 3.27 -11.08 20.27
C GLY A 10 2.56 -11.47 18.98
N ILE A 11 1.51 -12.27 19.10
CA ILE A 11 0.76 -12.70 17.93
C ILE A 11 -0.31 -11.66 17.58
N THR A 12 -0.96 -11.12 18.59
CA THR A 12 -1.98 -10.10 18.40
C THR A 12 -1.36 -8.83 17.83
N GLU A 13 -0.36 -8.31 18.53
CA GLU A 13 0.33 -7.10 18.09
C GLU A 13 1.25 -7.38 16.91
N GLY A 14 1.74 -8.60 16.83
CA GLY A 14 2.63 -8.98 15.74
C GLY A 14 1.90 -9.06 14.42
N GLU A 15 0.88 -9.91 14.34
CA GLU A 15 0.10 -10.07 13.13
C GLU A 15 -0.64 -8.77 12.80
N ALA A 16 -1.20 -8.15 13.83
CA ALA A 16 -1.94 -6.90 13.66
C ALA A 16 -1.03 -5.82 13.07
N LYS A 17 0.23 -5.82 13.51
CA LYS A 17 1.21 -4.85 13.04
C LYS A 17 1.55 -5.09 11.58
N GLU A 18 1.86 -6.35 11.25
CA GLU A 18 2.23 -6.72 9.90
C GLU A 18 1.10 -6.41 8.92
N PHE A 19 -0.08 -6.99 9.16
CA PHE A 19 -1.23 -6.78 8.30
C PHE A 19 -1.60 -5.30 8.21
N HIS A 20 -1.32 -4.56 9.28
CA HIS A 20 -1.62 -3.13 9.33
C HIS A 20 -0.70 -2.35 8.38
N LYS A 21 0.59 -2.38 8.68
CA LYS A 21 1.57 -1.67 7.86
C LYS A 21 1.54 -2.13 6.41
N ILE A 22 1.53 -3.45 6.20
CA ILE A 22 1.51 -4.00 4.86
C ILE A 22 0.26 -3.57 4.10
N PHE A 23 -0.87 -3.56 4.78
CA PHE A 23 -2.13 -3.16 4.16
C PHE A 23 -2.08 -1.70 3.72
N THR A 24 -2.04 -0.80 4.69
CA THR A 24 -1.99 0.63 4.41
C THR A 24 -0.87 0.96 3.43
N SER A 25 0.31 0.40 3.67
CA SER A 25 1.46 0.63 2.80
C SER A 25 1.12 0.32 1.34
N SER A 26 0.90 -0.96 1.05
CA SER A 26 0.58 -1.40 -0.30
C SER A 26 -0.48 -0.53 -0.95
N ILE A 27 -1.55 -0.20 -0.22
CA ILE A 27 -2.62 0.62 -0.75
C ILE A 27 -2.08 2.02 -1.08
N LEU A 28 -1.24 2.53 -0.20
CA LEU A 28 -0.64 3.85 -0.37
C LEU A 28 0.28 3.89 -1.58
N VAL A 29 1.31 3.08 -1.53
CA VAL A 29 2.31 3.00 -2.59
C VAL A 29 1.75 2.46 -3.90
N PHE A 30 1.06 1.33 -3.85
CA PHE A 30 0.49 0.73 -5.07
C PHE A 30 -0.56 1.62 -5.72
N PHE A 31 -1.31 2.34 -4.89
CA PHE A 31 -2.34 3.25 -5.38
C PHE A 31 -1.79 4.67 -5.47
N GLY A 32 -0.67 4.89 -4.79
CA GLY A 32 -0.02 6.16 -4.83
C GLY A 32 0.75 6.28 -6.12
N VAL A 33 1.28 5.13 -6.52
CA VAL A 33 2.00 5.01 -7.75
C VAL A 33 1.03 4.93 -8.91
N ALA A 34 0.10 3.98 -8.84
CA ALA A 34 -0.91 3.85 -9.89
C ALA A 34 -1.52 5.21 -10.18
N ALA A 35 -1.82 5.95 -9.11
CA ALA A 35 -2.38 7.28 -9.21
C ALA A 35 -1.42 8.24 -9.91
N PHE A 36 -0.35 8.62 -9.20
CA PHE A 36 0.64 9.53 -9.74
C PHE A 36 1.42 8.89 -10.89
N ALA A 37 1.99 7.72 -10.64
CA ALA A 37 2.76 7.00 -11.64
C ALA A 37 2.03 6.93 -12.98
N HIS A 38 0.83 6.33 -12.99
CA HIS A 38 0.07 6.22 -14.24
C HIS A 38 -0.29 7.61 -14.75
N LEU A 39 -0.47 8.54 -13.83
CA LEU A 39 -0.77 9.91 -14.22
C LEU A 39 0.42 10.53 -14.93
N LEU A 40 1.58 9.88 -14.79
CA LEU A 40 2.80 10.36 -15.42
C LEU A 40 3.48 9.25 -16.23
N VAL A 41 2.77 8.15 -16.47
CA VAL A 41 3.32 7.04 -17.23
C VAL A 41 2.25 6.06 -17.70
N TRP A 42 1.05 6.57 -17.98
CA TRP A 42 -0.04 5.71 -18.45
C TRP A 42 -0.68 6.28 -19.71
N ILE A 43 -1.67 7.16 -19.54
CA ILE A 43 -2.35 7.76 -20.68
C ILE A 43 -3.07 9.05 -20.29
N TRP A 44 -2.64 9.67 -19.19
CA TRP A 44 -3.25 10.90 -18.73
C TRP A 44 -2.86 12.06 -19.64
N ARG A 45 -1.56 12.23 -19.84
CA ARG A 45 -1.04 13.30 -20.69
C ARG A 45 0.48 13.29 -20.70
N PRO A 46 1.13 13.29 -19.51
CA PRO A 46 2.59 13.29 -19.41
C PRO A 46 3.21 12.05 -20.04
N TRP A 47 2.96 10.89 -19.45
CA TRP A 47 3.50 9.64 -19.97
C TRP A 47 5.02 9.65 -19.90
N VAL A 48 5.62 8.49 -19.63
CA VAL A 48 7.07 8.38 -19.53
C VAL A 48 7.78 8.52 -20.88
N PRO A 49 7.17 8.06 -22.00
CA PRO A 49 7.78 8.15 -23.32
C PRO A 49 7.58 9.52 -23.95
N GLY A 50 8.43 10.48 -23.57
CA GLY A 50 8.33 11.83 -24.11
C GLY A 50 9.50 12.70 -23.73
N PRO A 51 9.90 13.65 -24.59
CA PRO A 51 11.03 14.55 -24.31
C PRO A 51 10.88 15.26 -22.97
N ASN A 52 9.83 16.06 -22.84
CA ASN A 52 9.58 16.79 -21.59
C ASN A 52 8.58 16.04 -20.71
N GLY A 53 8.25 16.63 -19.57
CA GLY A 53 7.33 16.00 -18.65
C GLY A 53 7.34 16.65 -17.28
N TYR A 54 8.51 17.14 -16.86
CA TYR A 54 8.64 17.78 -15.55
C TYR A 54 8.19 19.23 -15.62
N SER A 55 8.06 19.86 -14.46
CA SER A 55 7.64 21.25 -14.39
C SER A 55 6.24 21.43 -15.00
N ALA A 1 3.86 -11.65 33.29
CA ALA A 1 4.23 -10.35 32.69
C ALA A 1 5.21 -10.55 31.53
N GLU A 2 5.05 -11.64 30.79
CA GLU A 2 5.91 -11.94 29.67
C GLU A 2 5.46 -13.20 28.95
N VAL A 3 5.04 -14.20 29.72
CA VAL A 3 4.57 -15.47 29.16
C VAL A 3 3.05 -15.52 29.15
N LYS A 4 2.51 -16.70 28.83
CA LYS A 4 1.07 -16.93 28.78
C LYS A 4 0.52 -16.64 27.39
N GLN A 5 0.77 -15.43 26.90
CA GLN A 5 0.31 -15.03 25.58
C GLN A 5 1.00 -15.84 24.49
N GLU A 6 2.22 -16.30 24.77
CA GLU A 6 2.99 -17.09 23.81
C GLU A 6 3.43 -16.25 22.63
N SER A 7 4.65 -15.71 22.72
CA SER A 7 5.23 -14.87 21.67
C SER A 7 4.97 -13.38 21.93
N LEU A 8 3.88 -13.09 22.65
CA LEU A 8 3.48 -11.71 22.99
C LEU A 8 3.93 -10.69 21.94
N SER A 9 5.19 -10.27 22.00
CA SER A 9 5.70 -9.29 21.05
C SER A 9 5.43 -9.76 19.62
N GLY A 10 5.42 -11.07 19.45
CA GLY A 10 5.13 -11.65 18.16
C GLY A 10 3.65 -11.65 17.87
N ILE A 11 2.84 -11.60 18.94
CA ILE A 11 1.39 -11.58 18.79
C ILE A 11 0.92 -10.21 18.31
N THR A 12 1.23 -9.18 19.10
CA THR A 12 0.85 -7.82 18.76
C THR A 12 1.54 -7.37 17.48
N GLU A 13 2.85 -7.55 17.43
CA GLU A 13 3.64 -7.17 16.25
C GLU A 13 3.22 -8.00 15.05
N GLY A 14 2.81 -9.24 15.31
CA GLY A 14 2.39 -10.12 14.22
C GLY A 14 1.14 -9.61 13.53
N GLU A 15 0.04 -9.52 14.28
CA GLU A 15 -1.22 -9.03 13.72
C GLU A 15 -1.07 -7.60 13.27
N ALA A 16 -0.41 -6.79 14.10
CA ALA A 16 -0.19 -5.38 13.78
C ALA A 16 0.59 -5.24 12.48
N LYS A 17 1.57 -6.12 12.30
CA LYS A 17 2.40 -6.11 11.10
C LYS A 17 1.57 -6.48 9.88
N GLU A 18 0.61 -7.38 10.07
CA GLU A 18 -0.26 -7.81 8.98
C GLU A 18 -1.14 -6.67 8.50
N PHE A 19 -2.04 -6.21 9.37
CA PHE A 19 -2.95 -5.12 9.03
C PHE A 19 -2.19 -3.86 8.62
N HIS A 20 -1.00 -3.67 9.19
CA HIS A 20 -0.18 -2.51 8.88
C HIS A 20 0.43 -2.61 7.49
N LYS A 21 1.13 -3.70 7.22
CA LYS A 21 1.77 -3.92 5.92
C LYS A 21 0.73 -3.99 4.81
N ILE A 22 -0.36 -4.72 5.07
CA ILE A 22 -1.42 -4.88 4.08
C ILE A 22 -2.09 -3.53 3.77
N PHE A 23 -2.42 -2.78 4.82
CA PHE A 23 -3.05 -1.48 4.66
C PHE A 23 -2.12 -0.54 3.92
N THR A 24 -0.95 -0.28 4.49
CA THR A 24 0.04 0.59 3.89
C THR A 24 0.35 0.13 2.46
N SER A 25 0.41 -1.17 2.27
CA SER A 25 0.70 -1.73 0.96
C SER A 25 -0.31 -1.24 -0.08
N SER A 26 -1.59 -1.49 0.19
CA SER A 26 -2.67 -1.08 -0.70
C SER A 26 -2.67 0.42 -0.98
N ILE A 27 -2.54 1.23 0.07
CA ILE A 27 -2.53 2.68 -0.09
C ILE A 27 -1.33 3.14 -0.92
N LEU A 28 -0.16 2.62 -0.58
CA LEU A 28 1.08 2.96 -1.28
C LEU A 28 1.01 2.54 -2.74
N VAL A 29 0.79 1.25 -2.94
CA VAL A 29 0.72 0.65 -4.25
C VAL A 29 -0.37 1.29 -5.11
N PHE A 30 -1.56 1.48 -4.55
CA PHE A 30 -2.67 2.11 -5.28
C PHE A 30 -2.29 3.53 -5.70
N PHE A 31 -1.49 4.17 -4.86
CA PHE A 31 -1.00 5.52 -5.11
C PHE A 31 0.33 5.46 -5.84
N GLY A 32 0.94 4.27 -5.84
CA GLY A 32 2.19 4.07 -6.53
C GLY A 32 1.90 3.96 -7.99
N VAL A 33 0.82 3.24 -8.28
CA VAL A 33 0.34 3.06 -9.64
C VAL A 33 -0.30 4.34 -10.11
N ALA A 34 -1.34 4.78 -9.43
CA ALA A 34 -2.01 6.02 -9.79
C ALA A 34 -0.97 7.09 -10.08
N ALA A 35 -0.03 7.27 -9.16
CA ALA A 35 1.05 8.23 -9.31
C ALA A 35 1.97 7.86 -10.47
N PHE A 36 2.76 6.80 -10.28
CA PHE A 36 3.69 6.35 -11.30
C PHE A 36 2.98 5.87 -12.57
N ALA A 37 2.05 4.93 -12.40
CA ALA A 37 1.30 4.40 -13.53
C ALA A 37 0.73 5.50 -14.42
N HIS A 38 0.11 6.53 -13.81
CA HIS A 38 -0.46 7.62 -14.60
C HIS A 38 0.65 8.43 -15.26
N LEU A 39 1.68 8.75 -14.48
CA LEU A 39 2.81 9.51 -15.01
C LEU A 39 3.62 8.67 -16.00
N LEU A 40 3.36 7.36 -16.01
CA LEU A 40 4.06 6.45 -16.91
C LEU A 40 3.26 6.21 -18.19
N VAL A 41 1.98 6.54 -18.16
CA VAL A 41 1.12 6.35 -19.33
C VAL A 41 1.57 7.22 -20.49
N TRP A 42 2.20 8.36 -20.17
CA TRP A 42 2.68 9.27 -21.19
C TRP A 42 3.88 10.08 -20.67
N ILE A 43 3.59 11.08 -19.84
CA ILE A 43 4.63 11.92 -19.26
C ILE A 43 4.06 12.84 -18.19
N TRP A 44 3.02 12.37 -17.50
CA TRP A 44 2.37 13.15 -16.43
C TRP A 44 1.37 14.14 -17.00
N ARG A 45 0.98 13.95 -18.26
CA ARG A 45 0.02 14.84 -18.90
C ARG A 45 -1.41 14.54 -18.46
N PRO A 46 -1.91 13.30 -18.70
CA PRO A 46 -3.27 12.92 -18.32
C PRO A 46 -3.47 12.93 -16.80
N TRP A 47 -3.14 11.82 -16.14
CA TRP A 47 -3.30 11.72 -14.70
C TRP A 47 -4.73 12.00 -14.27
N VAL A 48 -5.67 11.84 -15.20
CA VAL A 48 -7.08 12.09 -14.92
C VAL A 48 -7.94 11.80 -16.15
N PRO A 49 -9.26 11.62 -15.95
CA PRO A 49 -10.19 11.35 -17.06
C PRO A 49 -10.40 12.57 -17.95
N GLY A 50 -9.33 13.04 -18.58
CA GLY A 50 -9.42 14.20 -19.46
C GLY A 50 -9.15 15.50 -18.72
N PRO A 51 -7.87 15.83 -18.48
CA PRO A 51 -7.49 17.06 -17.78
C PRO A 51 -7.70 18.30 -18.63
N ASN A 52 -7.29 18.23 -19.89
CA ASN A 52 -7.44 19.35 -20.81
C ASN A 52 -8.91 19.64 -21.10
N GLY A 53 -9.71 18.58 -21.17
CA GLY A 53 -11.13 18.74 -21.43
C GLY A 53 -11.69 17.63 -22.31
N TYR A 54 -11.33 17.66 -23.58
CA TYR A 54 -11.80 16.65 -24.53
C TYR A 54 -10.88 16.57 -25.75
N SER A 55 -10.61 17.71 -26.36
CA SER A 55 -9.75 17.76 -27.53
C SER A 55 -9.05 19.12 -27.63
N ALA A 1 1.93 -1.43 34.71
CA ALA A 1 2.19 -2.60 33.83
C ALA A 1 1.06 -2.79 32.82
N GLU A 2 1.41 -3.32 31.65
CA GLU A 2 0.43 -3.54 30.60
C GLU A 2 -0.67 -4.48 31.07
N VAL A 3 -1.65 -4.74 30.20
CA VAL A 3 -2.75 -5.63 30.52
C VAL A 3 -3.61 -5.92 29.29
N LYS A 4 -4.15 -7.14 29.23
CA LYS A 4 -4.99 -7.57 28.12
C LYS A 4 -4.16 -8.19 27.00
N GLN A 5 -2.92 -8.57 27.32
CA GLN A 5 -2.03 -9.18 26.33
C GLN A 5 -0.75 -9.65 26.99
N GLU A 6 0.15 -8.72 27.30
CA GLU A 6 1.42 -9.05 27.94
C GLU A 6 2.35 -9.79 26.99
N SER A 7 1.93 -10.96 26.54
CA SER A 7 2.72 -11.77 25.62
C SER A 7 2.93 -11.05 24.30
N LEU A 8 1.99 -10.17 23.95
CA LEU A 8 2.04 -9.39 22.69
C LEU A 8 3.03 -9.96 21.69
N SER A 9 4.32 -9.64 21.86
CA SER A 9 5.39 -10.09 20.97
C SER A 9 4.88 -10.54 19.60
N GLY A 10 4.46 -11.80 19.50
CA GLY A 10 3.95 -12.31 18.23
C GLY A 10 2.65 -11.63 17.82
N ILE A 11 1.90 -11.13 18.79
CA ILE A 11 0.65 -10.45 18.50
C ILE A 11 0.90 -8.99 18.16
N THR A 12 1.85 -8.39 18.87
CA THR A 12 2.19 -6.98 18.63
C THR A 12 2.74 -6.79 17.23
N GLU A 13 3.78 -7.56 16.89
CA GLU A 13 4.39 -7.49 15.58
C GLU A 13 3.48 -8.11 14.52
N GLY A 14 2.72 -9.12 14.92
CA GLY A 14 1.81 -9.78 13.99
C GLY A 14 0.77 -8.83 13.43
N GLU A 15 -0.08 -8.30 14.31
CA GLU A 15 -1.11 -7.37 13.90
C GLU A 15 -0.49 -6.10 13.32
N ALA A 16 0.57 -5.63 13.97
CA ALA A 16 1.27 -4.43 13.52
C ALA A 16 1.81 -4.62 12.11
N LYS A 17 2.26 -5.84 11.82
CA LYS A 17 2.80 -6.17 10.51
C LYS A 17 1.70 -6.17 9.45
N GLU A 18 0.58 -6.81 9.78
CA GLU A 18 -0.54 -6.88 8.85
C GLU A 18 -1.08 -5.48 8.56
N PHE A 19 -1.25 -4.68 9.61
CA PHE A 19 -1.77 -3.32 9.46
C PHE A 19 -0.83 -2.49 8.57
N HIS A 20 0.42 -2.38 8.99
CA HIS A 20 1.40 -1.62 8.22
C HIS A 20 1.56 -2.21 6.82
N LYS A 21 1.42 -3.52 6.73
CA LYS A 21 1.54 -4.22 5.46
C LYS A 21 0.53 -3.69 4.45
N ILE A 22 -0.73 -4.09 4.62
CA ILE A 22 -1.79 -3.64 3.73
C ILE A 22 -1.84 -2.12 3.61
N PHE A 23 -1.33 -1.45 4.64
CA PHE A 23 -1.30 0.01 4.64
C PHE A 23 -0.45 0.49 3.48
N THR A 24 0.84 0.20 3.55
CA THR A 24 1.76 0.59 2.49
C THR A 24 1.34 -0.05 1.18
N SER A 25 0.86 -1.28 1.24
CA SER A 25 0.43 -1.98 0.03
C SER A 25 -0.53 -1.11 -0.77
N SER A 26 -1.75 -0.96 -0.28
CA SER A 26 -2.75 -0.13 -0.96
C SER A 26 -2.26 1.29 -1.17
N ILE A 27 -1.39 1.77 -0.26
CA ILE A 27 -0.86 3.12 -0.34
C ILE A 27 0.01 3.32 -1.59
N LEU A 28 1.13 2.61 -1.66
CA LEU A 28 2.03 2.73 -2.80
C LEU A 28 1.32 2.37 -4.10
N VAL A 29 0.39 1.43 -4.04
CA VAL A 29 -0.37 1.02 -5.18
C VAL A 29 -1.30 2.13 -5.63
N PHE A 30 -1.96 2.77 -4.66
CA PHE A 30 -2.87 3.87 -4.94
C PHE A 30 -2.12 5.03 -5.59
N PHE A 31 -0.89 5.20 -5.17
CA PHE A 31 -0.02 6.24 -5.69
C PHE A 31 0.80 5.68 -6.85
N GLY A 32 0.83 4.36 -6.96
CA GLY A 32 1.53 3.71 -8.03
C GLY A 32 0.71 3.87 -9.29
N VAL A 33 -0.59 3.72 -9.09
CA VAL A 33 -1.56 3.88 -10.15
C VAL A 33 -1.73 5.36 -10.45
N ALA A 34 -2.16 6.12 -9.46
CA ALA A 34 -2.33 7.55 -9.65
C ALA A 34 -1.14 8.11 -10.41
N ALA A 35 0.06 7.70 -10.01
CA ALA A 35 1.29 8.12 -10.65
C ALA A 35 1.36 7.61 -12.09
N PHE A 36 1.58 6.30 -12.23
CA PHE A 36 1.67 5.68 -13.56
C PHE A 36 0.34 5.76 -14.31
N ALA A 37 -0.72 5.26 -13.68
CA ALA A 37 -2.05 5.29 -14.29
C ALA A 37 -2.37 6.65 -14.91
N HIS A 38 -2.13 7.73 -14.16
CA HIS A 38 -2.41 9.07 -14.68
C HIS A 38 -1.41 9.45 -15.77
N LEU A 39 -0.18 8.96 -15.63
CA LEU A 39 0.86 9.23 -16.62
C LEU A 39 0.55 8.54 -17.94
N LEU A 40 -0.15 7.40 -17.86
CA LEU A 40 -0.50 6.64 -19.04
C LEU A 40 -1.72 7.24 -19.73
N VAL A 41 -2.74 7.58 -18.95
CA VAL A 41 -3.96 8.16 -19.50
C VAL A 41 -3.69 9.55 -20.05
N TRP A 42 -2.72 10.24 -19.47
CA TRP A 42 -2.37 11.59 -19.91
C TRP A 42 -1.86 11.58 -21.35
N ILE A 43 -1.28 10.45 -21.76
CA ILE A 43 -0.75 10.32 -23.12
C ILE A 43 -1.41 9.15 -23.85
N TRP A 44 -2.68 8.90 -23.52
CA TRP A 44 -3.42 7.81 -24.13
C TRP A 44 -4.90 7.90 -23.77
N ARG A 45 -5.48 9.08 -23.94
CA ARG A 45 -6.89 9.31 -23.64
C ARG A 45 -7.16 9.09 -22.15
N PRO A 46 -8.11 9.85 -21.58
CA PRO A 46 -8.45 9.74 -20.15
C PRO A 46 -9.20 8.45 -19.84
N TRP A 47 -9.06 7.99 -18.60
CA TRP A 47 -9.71 6.76 -18.17
C TRP A 47 -9.36 5.58 -19.06
N VAL A 48 -8.13 5.57 -19.56
CA VAL A 48 -7.66 4.50 -20.43
C VAL A 48 -6.15 4.56 -20.63
N PRO A 49 -5.38 4.02 -19.66
CA PRO A 49 -3.92 4.02 -19.72
C PRO A 49 -3.40 3.39 -21.01
N GLY A 50 -3.78 2.14 -21.25
CA GLY A 50 -3.34 1.45 -22.45
C GLY A 50 -1.90 1.00 -22.36
N PRO A 51 -1.57 0.13 -21.40
CA PRO A 51 -0.19 -0.38 -21.22
C PRO A 51 0.38 -0.96 -22.51
N ASN A 52 1.60 -1.48 -22.42
CA ASN A 52 2.26 -2.06 -23.58
C ASN A 52 2.87 -3.42 -23.24
N GLY A 53 3.61 -3.47 -22.14
CA GLY A 53 4.24 -4.70 -21.73
C GLY A 53 5.65 -4.85 -22.26
N TYR A 54 6.59 -4.15 -21.63
CA TYR A 54 7.98 -4.20 -22.06
C TYR A 54 8.91 -3.78 -20.91
N SER A 55 8.50 -4.05 -19.69
CA SER A 55 9.29 -3.70 -18.51
C SER A 55 10.29 -4.81 -18.17
#